data_3I4I
#
_entry.id   3I4I
#
_cell.length_a   79.367
_cell.length_b   79.804
_cell.length_c   85.470
_cell.angle_alpha   90.00
_cell.angle_beta   90.00
_cell.angle_gamma   90.00
#
_symmetry.space_group_name_H-M   'P 21 21 21'
#
loop_
_entity.id
_entity.type
_entity.pdbx_description
1 polymer 1,3-1,4-beta-glucanase
2 non-polymer 'CALCIUM ION'
3 water water
#
_entity_poly.entity_id   1
_entity_poly.type   'polypeptide(L)'
_entity_poly.pdbx_seq_one_letter_code
;MRGSHHHHHHGSGSIEGRNVFTHFGEGFDYYDSQLWEKADGWGNGGVFNCIWRAYNIELKDGILNLSITDDMPSSSKPYA
GAEYRTRDKFGYGLYQVRMKPAKNPGIVSSFFTYTGPVHGTPWDEIDIEFLGKDTTKVQFNYYTNSAGNHEYIYDLRFDA
SEDFHIYAFNWQPNYIAWLVDGEEVYRAYDDIPVHPGKIMLNIWPGIGVDEWLGAYDGKTNLTASYDWVAYDPI
;
_entity_poly.pdbx_strand_id   A,B
#
# COMPACT_ATOMS: atom_id res chain seq x y z
N VAL A 20 -0.31 -25.12 17.58
CA VAL A 20 0.93 -24.71 18.35
C VAL A 20 2.08 -24.38 17.39
N PHE A 21 2.36 -23.10 17.15
CA PHE A 21 3.38 -22.77 16.16
C PHE A 21 4.73 -22.53 16.81
N THR A 22 5.75 -23.12 16.24
CA THR A 22 7.08 -23.09 16.82
C THR A 22 8.08 -22.83 15.69
N HIS A 23 9.29 -22.41 16.02
CA HIS A 23 10.32 -22.25 15.01
C HIS A 23 10.36 -23.43 14.03
N PHE A 24 10.55 -23.11 12.76
CA PHE A 24 10.72 -24.09 11.69
C PHE A 24 11.92 -23.71 10.86
N GLY A 25 12.77 -24.69 10.58
CA GLY A 25 13.94 -24.44 9.78
C GLY A 25 14.11 -25.63 8.86
N GLU A 26 14.48 -25.35 7.62
CA GLU A 26 14.65 -26.40 6.64
C GLU A 26 15.81 -26.00 5.74
N GLY A 27 16.78 -26.91 5.61
CA GLY A 27 17.98 -26.66 4.82
C GLY A 27 18.06 -27.42 3.51
N PHE A 28 17.09 -28.29 3.25
CA PHE A 28 17.00 -29.04 1.98
C PHE A 28 18.16 -30.04 1.81
N ASP A 29 18.58 -30.63 2.91
CA ASP A 29 19.66 -31.58 2.85
C ASP A 29 19.15 -32.92 2.42
N TYR A 30 17.94 -33.24 2.89
CA TYR A 30 17.39 -34.57 2.70
C TYR A 30 15.87 -34.48 2.66
N TYR A 31 15.24 -35.31 1.85
CA TYR A 31 13.78 -35.33 1.81
C TYR A 31 13.20 -36.19 2.93
N ASP A 32 12.48 -35.55 3.83
CA ASP A 32 11.81 -36.20 4.93
C ASP A 32 10.28 -36.20 4.74
N SER A 33 9.71 -37.36 4.40
CA SER A 33 8.32 -37.41 4.01
C SER A 33 7.35 -37.00 5.13
N GLN A 34 7.83 -36.98 6.37
CA GLN A 34 7.01 -36.54 7.52
C GLN A 34 6.90 -35.00 7.61
N LEU A 35 7.72 -34.29 6.87
CA LEU A 35 7.84 -32.85 7.05
C LEU A 35 7.46 -32.13 5.77
N TRP A 36 7.81 -32.76 4.66
CA TRP A 36 7.57 -32.22 3.32
C TRP A 36 6.81 -33.17 2.38
N GLU A 37 6.25 -32.62 1.32
CA GLU A 37 5.48 -33.43 0.36
C GLU A 37 5.85 -32.99 -1.03
N LYS A 38 6.32 -33.93 -1.87
CA LYS A 38 6.64 -33.63 -3.26
C LYS A 38 5.32 -33.78 -3.99
N ALA A 39 4.84 -32.68 -4.57
CA ALA A 39 3.58 -32.75 -5.27
C ALA A 39 3.77 -33.62 -6.50
N ASP A 40 2.77 -34.44 -6.82
CA ASP A 40 2.96 -35.48 -7.83
C ASP A 40 1.64 -35.91 -8.47
N GLY A 41 1.46 -35.59 -9.73
CA GLY A 41 0.34 -36.13 -10.52
C GLY A 41 -0.96 -35.39 -10.36
N TRP A 42 -0.91 -34.13 -9.93
CA TRP A 42 -2.01 -33.25 -10.18
C TRP A 42 -1.41 -31.89 -10.55
N GLY A 43 -2.20 -31.08 -11.24
CA GLY A 43 -1.84 -29.68 -11.51
C GLY A 43 -2.90 -28.76 -10.93
N ASN A 44 -2.64 -27.46 -10.91
CA ASN A 44 -3.63 -26.50 -10.41
C ASN A 44 -4.71 -26.15 -11.43
N GLY A 45 -4.45 -26.50 -12.68
CA GLY A 45 -5.34 -26.11 -13.76
C GLY A 45 -5.29 -24.64 -14.08
N GLY A 46 -6.34 -24.15 -14.72
CA GLY A 46 -6.46 -22.74 -15.04
C GLY A 46 -5.22 -22.25 -15.77
N VAL A 47 -4.65 -21.18 -15.24
CA VAL A 47 -3.43 -20.61 -15.77
C VAL A 47 -2.16 -21.44 -15.57
N PHE A 48 -2.22 -22.50 -14.75
CA PHE A 48 -1.02 -23.32 -14.55
C PHE A 48 -0.98 -24.34 -15.66
N ASN A 49 0.03 -24.24 -16.54
CA ASN A 49 0.11 -25.13 -17.71
C ASN A 49 1.04 -26.31 -17.49
N CYS A 50 0.95 -26.93 -16.30
CA CYS A 50 1.76 -28.10 -16.00
C CYS A 50 1.09 -28.97 -14.97
N ILE A 51 1.50 -30.25 -14.95
CA ILE A 51 1.27 -31.14 -13.84
C ILE A 51 2.53 -31.14 -13.01
N TRP A 52 2.35 -31.26 -11.70
CA TRP A 52 3.47 -31.37 -10.76
C TRP A 52 4.06 -32.77 -10.78
N ARG A 53 5.38 -32.87 -10.86
CA ARG A 53 6.04 -34.18 -10.91
C ARG A 53 7.08 -34.21 -9.80
N ALA A 54 7.05 -35.27 -9.01
CA ALA A 54 7.97 -35.43 -7.90
C ALA A 54 9.39 -35.50 -8.46
N TYR A 55 9.51 -35.95 -9.71
CA TYR A 55 10.83 -36.09 -10.33
C TYR A 55 11.45 -34.76 -10.79
N ASN A 56 10.73 -33.64 -10.69
CA ASN A 56 11.37 -32.35 -11.01
C ASN A 56 11.81 -31.56 -9.80
N ILE A 57 11.71 -32.24 -8.67
CA ILE A 57 12.30 -31.85 -7.38
C ILE A 57 13.60 -32.60 -7.16
N GLU A 58 14.65 -31.85 -6.84
CA GLU A 58 15.96 -32.43 -6.53
C GLU A 58 16.56 -31.74 -5.33
N LEU A 59 17.03 -32.54 -4.37
CA LEU A 59 17.82 -32.03 -3.28
C LEU A 59 19.28 -32.48 -3.47
N LYS A 60 20.18 -31.51 -3.67
CA LYS A 60 21.57 -31.81 -3.95
C LYS A 60 22.42 -30.76 -3.26
N ASP A 61 23.37 -31.20 -2.43
CA ASP A 61 24.42 -30.32 -1.91
C ASP A 61 23.77 -29.20 -1.10
N GLY A 62 22.66 -29.54 -0.46
CA GLY A 62 21.87 -28.59 0.35
C GLY A 62 21.07 -27.54 -0.40
N ILE A 63 20.83 -27.77 -1.69
CA ILE A 63 20.03 -26.87 -2.47
C ILE A 63 18.84 -27.63 -3.02
N LEU A 64 17.64 -27.09 -2.78
CA LEU A 64 16.41 -27.56 -3.41
C LEU A 64 16.32 -27.01 -4.80
N ASN A 65 16.32 -27.92 -5.78
CA ASN A 65 16.13 -27.55 -7.19
C ASN A 65 14.77 -27.95 -7.76
N LEU A 66 13.94 -26.96 -8.07
CA LEU A 66 12.62 -27.17 -8.69
C LEU A 66 12.69 -26.86 -10.18
N SER A 67 12.27 -27.79 -11.05
CA SER A 67 12.45 -27.57 -12.50
C SER A 67 11.14 -27.58 -13.30
N ILE A 68 11.13 -26.90 -14.45
CA ILE A 68 10.12 -27.08 -15.49
C ILE A 68 10.81 -27.91 -16.58
N THR A 69 10.17 -29.02 -16.96
CA THR A 69 10.60 -29.87 -18.09
C THR A 69 9.41 -30.22 -19.00
N ASP A 70 9.67 -30.97 -20.09
CA ASP A 70 8.55 -31.47 -20.90
C ASP A 70 7.88 -32.64 -20.19
N ASP A 71 6.56 -32.65 -20.19
CA ASP A 71 5.89 -33.62 -19.35
C ASP A 71 5.88 -35.01 -19.99
N MET A 72 5.40 -36.01 -19.27
CA MET A 72 5.31 -37.36 -19.81
C MET A 72 4.29 -37.40 -20.97
N PRO A 73 4.45 -38.36 -21.90
CA PRO A 73 3.66 -38.49 -23.12
C PRO A 73 2.15 -38.52 -22.87
N SER A 74 1.74 -39.07 -21.74
CA SER A 74 0.31 -39.26 -21.46
C SER A 74 -0.29 -38.20 -20.56
N SER A 75 0.52 -37.20 -20.20
CA SER A 75 0.03 -36.04 -19.46
C SER A 75 -0.97 -35.24 -20.28
N SER A 76 -1.99 -34.71 -19.60
CA SER A 76 -2.86 -33.66 -20.12
C SER A 76 -2.23 -32.28 -20.34
N LYS A 77 -1.03 -32.03 -19.81
CA LYS A 77 -0.38 -30.73 -20.04
C LYS A 77 0.95 -30.95 -20.78
N PRO A 78 1.44 -29.91 -21.48
CA PRO A 78 2.70 -30.01 -22.20
C PRO A 78 3.93 -30.08 -21.29
N TYR A 79 3.81 -29.54 -20.08
CA TYR A 79 4.96 -29.31 -19.24
C TYR A 79 4.74 -29.94 -17.87
N ALA A 80 5.84 -30.23 -17.20
CA ALA A 80 5.80 -30.73 -15.84
C ALA A 80 6.52 -29.72 -15.00
N GLY A 81 5.85 -29.28 -13.93
CA GLY A 81 6.42 -28.37 -12.95
C GLY A 81 6.86 -29.07 -11.66
N ALA A 82 7.21 -28.27 -10.69
CA ALA A 82 7.48 -28.83 -9.37
C ALA A 82 6.86 -28.00 -8.29
N GLU A 83 6.38 -28.69 -7.26
CA GLU A 83 5.90 -27.97 -6.10
C GLU A 83 6.22 -28.79 -4.86
N TYR A 84 6.82 -28.14 -3.90
CA TYR A 84 7.31 -28.76 -2.69
C TYR A 84 6.66 -28.09 -1.49
N ARG A 85 6.02 -28.89 -0.64
CA ARG A 85 5.12 -28.31 0.34
C ARG A 85 5.25 -28.99 1.71
N THR A 86 5.20 -28.18 2.76
CA THR A 86 5.26 -28.70 4.12
C THR A 86 4.05 -29.53 4.40
N ARG A 87 4.24 -30.53 5.27
CA ARG A 87 3.14 -31.30 5.83
C ARG A 87 2.34 -30.44 6.81
N ASP A 88 3.07 -29.63 7.58
CA ASP A 88 2.47 -28.83 8.65
C ASP A 88 2.05 -27.42 8.19
N LYS A 89 1.26 -26.74 9.02
CA LYS A 89 0.78 -25.38 8.73
C LYS A 89 1.37 -24.39 9.72
N PHE A 90 1.40 -23.13 9.32
CA PHE A 90 2.10 -22.12 10.12
C PHE A 90 1.25 -20.87 10.28
N GLY A 91 1.46 -20.17 11.37
CA GLY A 91 0.64 -18.97 11.69
C GLY A 91 1.31 -17.65 11.53
N TYR A 92 0.82 -16.62 12.22
CA TYR A 92 1.51 -15.35 12.18
C TYR A 92 2.98 -15.47 12.49
N GLY A 93 3.79 -14.64 11.83
CA GLY A 93 5.23 -14.64 12.04
C GLY A 93 6.04 -14.31 10.80
N LEU A 94 7.35 -14.54 10.92
CA LEU A 94 8.29 -14.23 9.85
C LEU A 94 8.62 -15.48 9.05
N TYR A 95 8.27 -15.43 7.76
CA TYR A 95 8.59 -16.49 6.79
C TYR A 95 9.76 -16.01 5.94
N GLN A 96 10.85 -16.76 5.91
CA GLN A 96 12.04 -16.33 5.16
C GLN A 96 12.40 -17.41 4.15
N VAL A 97 12.89 -17.02 2.96
CA VAL A 97 13.52 -17.98 2.01
C VAL A 97 14.82 -17.43 1.52
N ARG A 98 15.81 -18.29 1.38
CA ARG A 98 16.98 -17.96 0.58
C ARG A 98 16.91 -18.71 -0.72
N MET A 99 16.72 -17.98 -1.80
CA MET A 99 16.38 -18.58 -3.08
C MET A 99 16.92 -17.78 -4.27
N LYS A 100 16.98 -18.47 -5.41
CA LYS A 100 17.37 -17.89 -6.70
C LYS A 100 16.34 -18.32 -7.73
N PRO A 101 15.35 -17.45 -8.03
CA PRO A 101 14.34 -17.85 -9.03
C PRO A 101 14.91 -18.11 -10.43
N ALA A 102 14.12 -18.76 -11.29
CA ALA A 102 14.48 -19.01 -12.69
C ALA A 102 14.15 -17.80 -13.56
N LYS A 103 14.96 -17.55 -14.58
CA LYS A 103 14.69 -16.50 -15.55
C LYS A 103 14.32 -17.14 -16.86
N ASN A 104 13.14 -16.77 -17.36
CA ASN A 104 12.58 -17.10 -18.68
C ASN A 104 11.24 -16.38 -18.86
N PRO A 105 10.91 -15.99 -20.11
CA PRO A 105 9.53 -15.56 -20.30
C PRO A 105 8.49 -16.63 -19.90
N GLY A 106 7.38 -16.20 -19.33
CA GLY A 106 6.18 -17.03 -19.20
C GLY A 106 6.13 -18.01 -18.04
N ILE A 107 6.99 -17.82 -17.03
CA ILE A 107 7.05 -18.73 -15.90
C ILE A 107 6.96 -17.93 -14.60
N VAL A 108 6.86 -18.65 -13.48
CA VAL A 108 6.80 -18.07 -12.13
C VAL A 108 7.59 -18.99 -11.25
N SER A 109 8.41 -18.42 -10.40
CA SER A 109 9.06 -19.16 -9.31
C SER A 109 8.53 -18.55 -8.01
N SER A 110 8.16 -19.40 -7.04
CA SER A 110 7.31 -18.98 -5.92
C SER A 110 7.83 -19.41 -4.54
N PHE A 111 7.52 -18.58 -3.56
CA PHE A 111 7.47 -18.98 -2.14
C PHE A 111 6.20 -18.39 -1.61
N PHE A 112 5.36 -19.25 -1.01
CA PHE A 112 4.04 -18.80 -0.56
C PHE A 112 3.51 -19.71 0.55
N THR A 113 2.52 -19.21 1.28
CA THR A 113 1.74 -20.03 2.22
C THR A 113 0.39 -20.32 1.59
N TYR A 114 -0.28 -21.44 1.98
CA TYR A 114 -1.54 -21.75 1.36
C TYR A 114 -2.33 -22.65 2.26
N THR A 115 -3.56 -22.24 2.51
CA THR A 115 -4.63 -23.14 2.88
C THR A 115 -5.85 -22.82 2.01
N GLY A 116 -6.83 -23.73 2.00
CA GLY A 116 -7.85 -23.70 0.94
C GLY A 116 -9.05 -24.54 1.31
N PRO A 117 -10.12 -24.50 0.47
CA PRO A 117 -11.41 -25.02 0.92
C PRO A 117 -11.28 -26.52 1.21
N VAL A 118 -10.41 -27.17 0.46
CA VAL A 118 -10.14 -28.57 0.64
C VAL A 118 -9.79 -28.96 2.09
N HIS A 119 -9.12 -28.05 2.81
CA HIS A 119 -8.63 -28.31 4.16
C HIS A 119 -9.60 -27.73 5.16
N GLY A 120 -10.78 -27.33 4.68
CA GLY A 120 -11.87 -26.85 5.54
C GLY A 120 -11.73 -25.40 5.94
N THR A 121 -10.96 -24.63 5.19
CA THR A 121 -10.78 -23.22 5.52
C THR A 121 -11.03 -22.40 4.27
N PRO A 122 -11.29 -21.08 4.40
CA PRO A 122 -11.14 -20.20 3.24
C PRO A 122 -9.76 -20.28 2.56
N TRP A 123 -9.70 -19.88 1.28
CA TRP A 123 -8.47 -19.79 0.55
C TRP A 123 -7.71 -18.53 1.02
N ASP A 124 -6.82 -18.75 1.99
CA ASP A 124 -5.89 -17.73 2.48
C ASP A 124 -4.48 -18.11 2.04
N GLU A 125 -3.77 -17.13 1.50
CA GLU A 125 -2.46 -17.38 0.88
C GLU A 125 -1.69 -16.05 0.75
N ILE A 126 -0.37 -16.10 0.99
CA ILE A 126 0.53 -14.96 0.86
C ILE A 126 1.71 -15.35 -0.05
N ASP A 127 2.08 -14.45 -0.97
CA ASP A 127 2.84 -14.82 -2.14
C ASP A 127 4.07 -13.93 -2.26
N ILE A 128 5.19 -14.56 -2.56
CA ILE A 128 6.34 -13.94 -3.26
C ILE A 128 6.49 -14.69 -4.56
N GLU A 129 6.09 -14.04 -5.63
CA GLU A 129 6.22 -14.57 -6.99
C GLU A 129 7.26 -13.83 -7.82
N PHE A 130 8.24 -14.58 -8.33
CA PHE A 130 9.17 -14.07 -9.36
C PHE A 130 8.67 -14.44 -10.76
N LEU A 131 8.23 -13.42 -11.45
CA LEU A 131 7.79 -13.49 -12.83
C LEU A 131 9.04 -13.60 -13.68
N GLY A 132 9.29 -14.81 -14.19
CA GLY A 132 10.50 -15.09 -14.98
C GLY A 132 10.78 -14.06 -16.11
N LYS A 133 9.74 -13.34 -16.54
CA LYS A 133 9.87 -12.42 -17.69
C LYS A 133 10.84 -11.31 -17.36
N ASP A 134 11.04 -11.09 -16.06
CA ASP A 134 11.85 -9.99 -15.56
C ASP A 134 12.17 -10.18 -14.10
N THR A 135 13.34 -10.76 -13.86
CA THR A 135 13.79 -11.16 -12.52
C THR A 135 14.54 -10.05 -11.79
N THR A 136 14.43 -8.82 -12.29
CA THR A 136 14.82 -7.64 -11.50
C THR A 136 13.64 -7.06 -10.75
N LYS A 137 12.52 -7.78 -10.77
CA LYS A 137 11.32 -7.36 -10.07
C LYS A 137 10.78 -8.54 -9.24
N VAL A 138 10.11 -8.25 -8.13
CA VAL A 138 9.33 -9.33 -7.45
C VAL A 138 7.87 -8.91 -7.42
N GLN A 139 6.96 -9.89 -7.43
CA GLN A 139 5.56 -9.60 -7.16
C GLN A 139 5.10 -10.14 -5.80
N PHE A 140 4.48 -9.24 -5.02
CA PHE A 140 3.89 -9.60 -3.73
C PHE A 140 2.40 -9.67 -3.95
N ASN A 141 1.73 -10.56 -3.22
CA ASN A 141 0.28 -10.69 -3.38
C ASN A 141 -0.27 -11.53 -2.26
N TYR A 142 -1.56 -11.46 -2.06
CA TYR A 142 -2.16 -12.38 -1.08
C TYR A 142 -3.59 -12.59 -1.44
N TYR A 143 -4.15 -13.72 -0.98
CA TYR A 143 -5.55 -14.05 -1.19
C TYR A 143 -6.14 -14.26 0.19
N THR A 144 -7.33 -13.71 0.42
CA THR A 144 -7.98 -13.78 1.71
C THR A 144 -9.41 -14.17 1.39
N ASN A 145 -9.84 -15.35 1.83
CA ASN A 145 -11.14 -15.85 1.43
C ASN A 145 -11.30 -15.79 -0.07
N SER A 146 -10.23 -16.11 -0.84
CA SER A 146 -10.24 -16.29 -2.29
C SER A 146 -10.09 -14.97 -3.04
N ALA A 147 -10.11 -13.88 -2.31
CA ALA A 147 -10.09 -12.55 -2.91
C ALA A 147 -8.64 -12.09 -3.04
N GLY A 148 -8.19 -11.94 -4.26
CA GLY A 148 -6.81 -11.64 -4.52
C GLY A 148 -6.73 -10.17 -4.89
N ASN A 149 -6.15 -9.91 -6.05
CA ASN A 149 -6.02 -8.56 -6.59
C ASN A 149 -5.37 -7.60 -5.64
N HIS A 150 -4.27 -8.01 -5.03
CA HIS A 150 -3.44 -7.11 -4.23
C HIS A 150 -2.02 -7.04 -4.77
N GLU A 151 -1.85 -7.32 -6.06
CA GLU A 151 -0.53 -7.34 -6.70
C GLU A 151 0.24 -6.03 -6.53
N TYR A 152 1.52 -6.15 -6.20
CA TYR A 152 2.43 -5.03 -6.09
C TYR A 152 3.77 -5.54 -6.61
N ILE A 153 4.35 -4.79 -7.55
CA ILE A 153 5.60 -5.22 -8.15
C ILE A 153 6.69 -4.33 -7.60
N TYR A 154 7.64 -4.94 -6.92
CA TYR A 154 8.73 -4.23 -6.31
C TYR A 154 9.97 -4.33 -7.17
N ASP A 155 10.57 -3.18 -7.51
CA ASP A 155 11.81 -3.18 -8.28
CA ASP A 155 11.81 -3.15 -8.28
C ASP A 155 13.01 -3.53 -7.41
N LEU A 156 13.72 -4.60 -7.80
CA LEU A 156 14.78 -5.12 -6.96
C LEU A 156 16.07 -4.36 -7.13
N ARG A 157 16.35 -3.89 -8.35
CA ARG A 157 17.64 -3.20 -8.59
C ARG A 157 18.83 -4.17 -8.44
N PHE A 158 18.51 -5.46 -8.57
CA PHE A 158 19.43 -6.52 -8.93
C PHE A 158 18.66 -7.57 -9.70
N ASP A 159 19.37 -8.50 -10.31
CA ASP A 159 18.71 -9.62 -10.97
C ASP A 159 18.61 -10.84 -10.07
N ALA A 160 17.40 -11.16 -9.61
CA ALA A 160 17.21 -12.20 -8.62
C ALA A 160 17.65 -13.55 -9.17
N SER A 161 17.61 -13.71 -10.50
CA SER A 161 18.03 -14.98 -11.11
C SER A 161 19.55 -15.28 -11.03
N GLU A 162 20.35 -14.25 -10.77
CA GLU A 162 21.82 -14.42 -10.86
C GLU A 162 22.44 -14.91 -9.56
N ASP A 163 21.79 -14.69 -8.42
CA ASP A 163 22.40 -15.02 -7.11
C ASP A 163 21.32 -15.36 -6.08
N PHE A 164 21.69 -16.00 -4.97
CA PHE A 164 20.71 -16.23 -3.92
C PHE A 164 20.57 -14.99 -3.12
N HIS A 165 19.35 -14.70 -2.70
CA HIS A 165 19.01 -13.54 -1.91
C HIS A 165 18.00 -14.03 -0.87
N ILE A 166 17.69 -13.20 0.13
CA ILE A 166 16.76 -13.59 1.18
C ILE A 166 15.54 -12.74 1.04
N TYR A 167 14.40 -13.38 0.86
CA TYR A 167 13.12 -12.71 0.77
C TYR A 167 12.26 -13.15 1.94
N ALA A 168 11.38 -12.28 2.42
CA ALA A 168 10.58 -12.64 3.57
C ALA A 168 9.21 -11.92 3.59
N PHE A 169 8.24 -12.51 4.26
CA PHE A 169 7.13 -11.67 4.74
C PHE A 169 6.86 -11.92 6.20
N ASN A 170 6.50 -10.87 6.90
CA ASN A 170 6.09 -11.01 8.27
C ASN A 170 4.58 -10.84 8.18
N TRP A 171 3.87 -11.88 8.55
CA TRP A 171 2.40 -11.89 8.47
C TRP A 171 1.86 -11.64 9.89
N GLN A 172 1.16 -10.51 10.06
CA GLN A 172 0.53 -10.17 11.32
C GLN A 172 -0.98 -10.08 11.14
N PRO A 173 -1.70 -10.05 12.25
CA PRO A 173 -3.17 -9.93 12.18
C PRO A 173 -3.57 -8.76 11.30
N ASN A 174 -2.87 -7.64 11.45
CA ASN A 174 -3.33 -6.39 10.81
C ASN A 174 -2.53 -5.95 9.59
N TYR A 175 -1.51 -6.72 9.22
CA TYR A 175 -0.73 -6.34 8.05
C TYR A 175 0.14 -7.49 7.59
N ILE A 176 0.62 -7.36 6.37
CA ILE A 176 1.77 -8.13 5.88
C ILE A 176 2.91 -7.20 5.43
N ALA A 177 4.11 -7.46 5.94
CA ALA A 177 5.32 -6.75 5.47
C ALA A 177 6.15 -7.70 4.65
N TRP A 178 6.69 -7.23 3.54
CA TRP A 178 7.61 -8.07 2.76
C TRP A 178 8.96 -7.42 2.89
N LEU A 179 9.98 -8.22 2.73
CA LEU A 179 11.35 -7.75 2.96
C LEU A 179 12.25 -8.44 2.01
N VAL A 180 13.30 -7.72 1.64
CA VAL A 180 14.31 -8.22 0.75
C VAL A 180 15.65 -7.94 1.39
N ASP A 181 16.48 -8.96 1.41
CA ASP A 181 17.78 -8.90 2.06
C ASP A 181 17.76 -8.20 3.42
N GLY A 182 16.81 -8.62 4.27
CA GLY A 182 16.67 -8.12 5.63
C GLY A 182 15.92 -6.80 5.81
N GLU A 183 15.62 -6.08 4.73
CA GLU A 183 14.92 -4.81 4.92
C GLU A 183 13.48 -4.80 4.37
N GLU A 184 12.56 -4.23 5.15
CA GLU A 184 11.17 -4.12 4.69
C GLU A 184 10.98 -3.13 3.56
N VAL A 185 10.23 -3.54 2.52
CA VAL A 185 10.13 -2.80 1.26
C VAL A 185 8.70 -2.56 0.84
N TYR A 186 7.79 -3.27 1.52
CA TYR A 186 6.37 -3.14 1.22
C TYR A 186 5.52 -3.68 2.35
N ARG A 187 4.41 -2.97 2.61
CA ARG A 187 3.44 -3.37 3.62
C ARG A 187 2.01 -3.11 3.13
N ALA A 188 1.13 -4.03 3.45
CA ALA A 188 -0.26 -3.98 3.03
C ALA A 188 -1.16 -4.33 4.19
N TYR A 189 -2.34 -3.68 4.20
CA TYR A 189 -3.16 -3.50 5.40
C TYR A 189 -4.54 -4.07 5.12
N ASP A 190 -4.87 -4.17 3.84
CA ASP A 190 -6.21 -4.44 3.40
C ASP A 190 -6.60 -5.94 3.48
N ASP A 191 -7.63 -6.26 4.25
CA ASP A 191 -8.20 -7.62 4.22
C ASP A 191 -7.11 -8.71 4.36
N ILE A 192 -6.43 -8.75 5.50
CA ILE A 192 -5.23 -9.60 5.66
C ILE A 192 -5.70 -11.03 5.97
N PRO A 193 -5.00 -12.05 5.43
CA PRO A 193 -5.30 -13.46 5.68
C PRO A 193 -5.36 -13.89 7.17
N VAL A 194 -6.10 -14.98 7.41
CA VAL A 194 -6.45 -15.36 8.77
C VAL A 194 -6.02 -16.78 9.07
N HIS A 195 -6.16 -17.67 8.10
CA HIS A 195 -6.06 -19.08 8.43
C HIS A 195 -4.67 -19.58 8.10
N PRO A 196 -4.08 -20.36 9.00
CA PRO A 196 -2.71 -20.78 8.90
C PRO A 196 -2.51 -21.74 7.72
N GLY A 197 -1.37 -21.62 7.05
CA GLY A 197 -1.15 -22.35 5.82
C GLY A 197 0.15 -23.07 5.77
N LYS A 198 0.27 -23.95 4.79
CA LYS A 198 1.49 -24.68 4.56
C LYS A 198 2.43 -23.76 3.80
N ILE A 199 3.73 -23.98 3.96
CA ILE A 199 4.71 -23.30 3.11
C ILE A 199 4.87 -24.13 1.86
N MET A 200 4.80 -23.46 0.71
CA MET A 200 4.89 -24.13 -0.56
C MET A 200 5.89 -23.40 -1.46
N LEU A 201 6.72 -24.19 -2.15
CA LEU A 201 7.66 -23.71 -3.15
C LEU A 201 7.27 -24.33 -4.48
N ASN A 202 7.23 -23.53 -5.53
CA ASN A 202 6.92 -24.03 -6.87
C ASN A 202 7.56 -23.28 -8.02
N ILE A 203 7.55 -23.93 -9.19
CA ILE A 203 7.93 -23.29 -10.43
C ILE A 203 7.00 -23.85 -11.51
N TRP A 204 6.49 -22.97 -12.35
CA TRP A 204 5.49 -23.33 -13.34
C TRP A 204 5.44 -22.36 -14.53
N PRO A 205 5.02 -22.86 -15.71
CA PRO A 205 4.79 -22.08 -16.93
C PRO A 205 3.31 -21.73 -17.07
N GLY A 206 3.02 -20.51 -17.47
CA GLY A 206 1.65 -20.02 -17.51
C GLY A 206 1.02 -20.21 -18.88
N ILE A 207 -0.30 -20.13 -18.94
CA ILE A 207 -1.00 -20.10 -20.22
C ILE A 207 -2.25 -19.23 -20.13
N GLY A 208 -2.54 -18.51 -21.21
CA GLY A 208 -3.64 -17.56 -21.23
C GLY A 208 -3.40 -16.31 -20.39
N VAL A 209 -2.14 -16.08 -20.03
CA VAL A 209 -1.81 -14.91 -19.23
C VAL A 209 -0.59 -14.20 -19.84
N ASP A 210 -0.61 -13.96 -21.15
CA ASP A 210 0.57 -13.44 -21.84
C ASP A 210 0.88 -12.04 -21.33
N GLU A 211 -0.15 -11.30 -20.96
CA GLU A 211 0.00 -9.93 -20.44
C GLU A 211 0.79 -9.91 -19.12
N TRP A 212 0.51 -10.88 -18.26
CA TRP A 212 1.10 -10.88 -16.91
C TRP A 212 2.51 -11.50 -16.93
N LEU A 213 2.63 -12.68 -17.54
CA LEU A 213 3.84 -13.49 -17.49
C LEU A 213 4.76 -13.38 -18.72
N GLY A 214 4.21 -12.87 -19.82
CA GLY A 214 4.73 -13.17 -21.15
C GLY A 214 4.28 -14.56 -21.56
N ALA A 215 4.33 -14.85 -22.88
CA ALA A 215 4.16 -16.23 -23.37
C ALA A 215 5.36 -17.09 -23.00
N TYR A 216 5.11 -18.27 -22.41
CA TYR A 216 6.13 -19.26 -22.24
C TYR A 216 6.58 -19.82 -23.60
N ASP A 217 7.85 -20.14 -23.75
CA ASP A 217 8.39 -20.55 -25.05
C ASP A 217 8.93 -21.98 -25.05
N GLY A 218 8.50 -22.76 -24.06
CA GLY A 218 8.87 -24.14 -23.99
C GLY A 218 10.33 -24.36 -23.68
N LYS A 219 11.04 -23.30 -23.30
CA LYS A 219 12.44 -23.48 -22.93
C LYS A 219 12.62 -24.48 -21.79
N THR A 220 13.56 -25.40 -22.02
CA THR A 220 13.75 -26.66 -21.30
C THR A 220 14.61 -26.52 -20.05
N ASN A 221 14.29 -27.31 -19.01
N ASN A 221 14.35 -27.35 -19.04
CA ASN A 221 15.13 -27.39 -17.80
CA ASN A 221 15.16 -27.38 -17.81
C ASN A 221 15.40 -26.03 -17.16
C ASN A 221 15.42 -26.00 -17.20
N LEU A 222 14.34 -25.28 -16.90
CA LEU A 222 14.45 -24.07 -16.06
C LEU A 222 14.40 -24.53 -14.61
N THR A 223 15.22 -23.92 -13.76
CA THR A 223 15.31 -24.38 -12.37
C THR A 223 15.26 -23.19 -11.46
N ALA A 224 14.39 -23.24 -10.45
CA ALA A 224 14.44 -22.26 -9.37
C ALA A 224 15.05 -22.98 -8.21
N SER A 225 16.00 -22.33 -7.55
CA SER A 225 16.72 -22.99 -6.47
C SER A 225 16.54 -22.26 -5.17
N TYR A 226 16.59 -23.04 -4.09
CA TYR A 226 16.22 -22.61 -2.75
C TYR A 226 17.24 -23.17 -1.79
N ASP A 227 17.91 -22.29 -1.06
CA ASP A 227 18.92 -22.73 -0.08
C ASP A 227 18.29 -23.08 1.27
N TRP A 228 17.35 -22.28 1.74
CA TRP A 228 16.68 -22.63 2.98
C TRP A 228 15.39 -21.85 3.16
N VAL A 229 14.56 -22.32 4.10
CA VAL A 229 13.33 -21.63 4.46
C VAL A 229 13.29 -21.60 5.97
N ALA A 230 12.67 -20.56 6.54
CA ALA A 230 12.55 -20.50 7.97
C ALA A 230 11.21 -19.84 8.30
N TYR A 231 10.64 -20.23 9.44
CA TYR A 231 9.47 -19.56 10.01
C TYR A 231 9.71 -19.36 11.46
N ASP A 232 9.44 -18.15 11.94
CA ASP A 232 9.53 -17.85 13.35
C ASP A 232 8.27 -17.14 13.75
N PRO A 233 7.53 -17.71 14.73
CA PRO A 233 6.32 -17.07 15.22
C PRO A 233 6.72 -15.82 15.99
N ILE A 234 6.45 -14.67 15.41
CA ILE A 234 6.66 -13.41 16.08
C ILE A 234 5.40 -12.58 15.92
N PHE B 21 14.03 20.80 12.37
CA PHE B 21 12.63 20.50 12.71
C PHE B 21 12.54 19.83 14.09
N THR B 22 11.70 20.42 14.93
CA THR B 22 11.43 19.87 16.25
C THR B 22 9.92 19.82 16.47
N HIS B 23 9.49 19.37 17.64
CA HIS B 23 8.08 19.24 17.91
C HIS B 23 7.34 20.55 17.65
N PHE B 24 6.20 20.46 16.94
CA PHE B 24 5.27 21.60 16.76
C PHE B 24 3.94 21.15 17.32
N GLY B 25 3.29 22.00 18.10
CA GLY B 25 1.92 21.75 18.49
C GLY B 25 1.10 23.02 18.44
N GLU B 26 -0.17 22.89 18.08
CA GLU B 26 -1.03 24.04 17.90
C GLU B 26 -2.44 23.68 18.31
N GLY B 27 -3.05 24.49 19.19
CA GLY B 27 -4.34 24.16 19.76
C GLY B 27 -5.47 25.06 19.26
N PHE B 28 -5.12 26.03 18.42
CA PHE B 28 -6.08 26.96 17.86
C PHE B 28 -6.79 27.90 18.84
N ASP B 29 -6.04 28.37 19.83
CA ASP B 29 -6.61 29.24 20.85
C ASP B 29 -6.57 30.67 20.40
N TYR B 30 -5.52 31.01 19.67
CA TYR B 30 -5.19 32.39 19.37
C TYR B 30 -4.65 32.41 17.95
N TYR B 31 -5.01 33.41 17.15
CA TYR B 31 -4.29 33.57 15.86
C TYR B 31 -2.99 34.32 16.03
N ASP B 32 -1.90 33.58 15.84
CA ASP B 32 -0.59 34.14 16.01
C ASP B 32 0.05 34.25 14.64
N SER B 33 0.25 35.48 14.24
CA SER B 33 0.51 35.80 12.87
C SER B 33 1.94 35.45 12.55
N GLN B 34 2.80 35.23 13.56
CA GLN B 34 4.15 34.81 13.18
CA GLN B 34 4.18 34.77 13.35
C GLN B 34 4.26 33.29 13.00
N LEU B 35 3.18 32.57 13.29
CA LEU B 35 3.12 31.08 13.19
C LEU B 35 2.17 30.60 12.11
N TRP B 36 1.07 31.30 11.95
CA TRP B 36 0.01 30.92 10.98
C TRP B 36 -0.36 32.02 9.99
N GLU B 37 -0.90 31.62 8.85
CA GLU B 37 -1.39 32.57 7.89
C GLU B 37 -2.81 32.22 7.47
N LYS B 38 -3.72 33.21 7.56
CA LYS B 38 -5.03 33.12 6.97
C LYS B 38 -4.90 33.48 5.50
N ALA B 39 -5.00 32.49 4.61
CA ALA B 39 -5.03 32.77 3.18
C ALA B 39 -6.11 33.79 2.83
N ASP B 40 -5.78 34.72 1.94
CA ASP B 40 -6.67 35.84 1.73
C ASP B 40 -6.47 36.45 0.36
N GLY B 41 -7.48 36.36 -0.48
CA GLY B 41 -7.55 37.12 -1.75
C GLY B 41 -6.78 36.49 -2.86
N TRP B 42 -6.61 35.17 -2.80
CA TRP B 42 -6.26 34.40 -3.98
C TRP B 42 -6.94 33.05 -3.86
N GLY B 43 -7.07 32.36 -5.01
CA GLY B 43 -7.50 30.96 -4.97
C GLY B 43 -6.55 30.05 -5.71
N ASN B 44 -6.72 28.74 -5.55
CA ASN B 44 -5.85 27.80 -6.24
C ASN B 44 -6.14 27.65 -7.72
N GLY B 45 -7.28 28.18 -8.15
CA GLY B 45 -7.78 27.98 -9.53
C GLY B 45 -8.07 26.53 -9.85
N GLY B 46 -8.14 26.20 -11.14
CA GLY B 46 -8.40 24.79 -11.54
C GLY B 46 -9.70 24.29 -10.93
N VAL B 47 -9.68 23.14 -10.26
CA VAL B 47 -10.92 22.57 -9.69
C VAL B 47 -11.42 23.32 -8.43
N PHE B 48 -10.57 24.16 -7.86
CA PHE B 48 -10.95 24.91 -6.69
C PHE B 48 -11.89 26.03 -7.10
N ASN B 49 -13.18 25.90 -6.78
CA ASN B 49 -14.15 26.95 -7.16
C ASN B 49 -14.38 28.06 -6.13
N CYS B 50 -13.31 28.60 -5.56
CA CYS B 50 -13.41 29.60 -4.51
C CYS B 50 -12.20 30.49 -4.48
N ILE B 51 -12.33 31.70 -4.00
CA ILE B 51 -11.17 32.42 -3.54
C ILE B 51 -11.02 32.15 -2.06
N TRP B 52 -9.80 32.20 -1.53
CA TRP B 52 -9.65 32.11 -0.07
C TRP B 52 -9.99 33.48 0.55
N ARG B 53 -10.78 33.50 1.63
CA ARG B 53 -11.01 34.75 2.42
C ARG B 53 -10.67 34.54 3.87
N ALA B 54 -9.80 35.39 4.39
CA ALA B 54 -9.43 35.35 5.83
C ALA B 54 -10.65 35.46 6.74
N TYR B 55 -11.69 36.15 6.28
CA TYR B 55 -12.95 36.26 7.03
C TYR B 55 -13.72 34.93 7.21
N ASN B 56 -13.33 33.92 6.46
CA ASN B 56 -13.97 32.60 6.55
C ASN B 56 -13.28 31.66 7.54
N ILE B 57 -12.37 32.24 8.33
CA ILE B 57 -11.64 31.56 9.37
C ILE B 57 -11.99 32.15 10.72
N GLU B 58 -12.45 31.29 11.61
CA GLU B 58 -12.77 31.70 12.94
C GLU B 58 -12.07 30.79 13.93
N LEU B 59 -11.40 31.39 14.89
CA LEU B 59 -10.94 30.63 16.06
C LEU B 59 -11.85 30.92 17.24
N LYS B 60 -12.55 29.91 17.71
CA LYS B 60 -13.51 30.08 18.82
C LYS B 60 -13.51 28.89 19.75
N ASP B 61 -13.20 29.16 21.02
CA ASP B 61 -13.28 28.17 22.11
C ASP B 61 -12.19 27.10 21.98
N GLY B 62 -11.04 27.48 21.44
CA GLY B 62 -10.00 26.51 21.05
C GLY B 62 -10.33 25.56 19.92
N ILE B 63 -11.27 25.91 19.04
CA ILE B 63 -11.52 25.18 17.80
C ILE B 63 -11.29 26.12 16.60
N LEU B 64 -10.56 25.62 15.60
CA LEU B 64 -10.44 26.29 14.32
C LEU B 64 -11.63 25.93 13.42
N ASN B 65 -12.36 26.94 12.98
CA ASN B 65 -13.46 26.70 12.08
C ASN B 65 -13.21 27.32 10.74
N LEU B 66 -13.31 26.50 9.72
CA LEU B 66 -13.08 26.95 8.35
C LEU B 66 -14.38 26.81 7.58
N SER B 67 -14.79 27.87 6.88
CA SER B 67 -16.10 27.89 6.19
C SER B 67 -16.11 28.11 4.68
N ILE B 68 -17.12 27.56 4.00
CA ILE B 68 -17.51 27.95 2.65
C ILE B 68 -18.73 28.92 2.69
N THR B 69 -18.63 30.09 2.07
CA THR B 69 -19.76 31.04 1.92
C THR B 69 -19.87 31.52 0.46
N ASP B 70 -20.87 32.35 0.13
CA ASP B 70 -20.91 32.96 -1.23
C ASP B 70 -19.88 34.09 -1.24
N ASP B 71 -19.20 34.30 -2.35
CA ASP B 71 -18.13 35.29 -2.35
C ASP B 71 -18.67 36.68 -2.62
N MET B 72 -17.76 37.63 -2.54
CA MET B 72 -18.05 39.04 -2.81
C MET B 72 -18.43 39.17 -4.30
N PRO B 73 -19.25 40.20 -4.63
CA PRO B 73 -19.86 40.37 -5.95
C PRO B 73 -18.88 40.51 -7.08
N SER B 74 -17.74 41.12 -6.82
CA SER B 74 -16.76 41.34 -7.86
C SER B 74 -15.72 40.23 -7.88
N SER B 75 -15.90 39.22 -7.02
CA SER B 75 -15.06 38.02 -7.08
C SER B 75 -15.17 37.32 -8.43
N SER B 76 -14.02 36.86 -8.92
CA SER B 76 -13.97 35.97 -10.06
C SER B 76 -14.60 34.61 -9.76
N LYS B 77 -14.77 34.24 -8.49
CA LYS B 77 -15.40 32.93 -8.15
C LYS B 77 -16.76 33.10 -7.45
N PRO B 78 -17.61 32.06 -7.47
CA PRO B 78 -18.91 32.36 -6.81
C PRO B 78 -18.92 32.06 -5.31
N TYR B 79 -17.86 31.38 -4.83
CA TYR B 79 -17.75 31.04 -3.41
C TYR B 79 -16.45 31.46 -2.85
N ALA B 80 -16.44 31.65 -1.53
CA ALA B 80 -15.25 31.92 -0.73
C ALA B 80 -15.01 30.69 0.12
N GLY B 81 -13.77 30.21 0.13
CA GLY B 81 -13.39 29.13 1.04
C GLY B 81 -12.50 29.69 2.12
N ALA B 82 -11.81 28.78 2.81
CA ALA B 82 -10.81 29.12 3.83
C ALA B 82 -9.62 28.21 3.74
N GLU B 83 -8.43 28.76 4.00
CA GLU B 83 -7.19 27.95 4.12
C GLU B 83 -6.27 28.62 5.15
N TYR B 84 -5.90 27.81 6.13
CA TYR B 84 -5.04 28.24 7.23
C TYR B 84 -3.75 27.50 7.10
N ARG B 85 -2.65 28.24 7.11
CA ARG B 85 -1.35 27.63 6.85
C ARG B 85 -0.30 28.10 7.80
N THR B 86 0.66 27.23 8.04
CA THR B 86 1.83 27.60 8.85
C THR B 86 2.72 28.55 8.05
N ARG B 87 3.40 29.43 8.78
CA ARG B 87 4.50 30.21 8.20
C ARG B 87 5.72 29.34 8.02
N ASP B 88 5.92 28.36 8.93
CA ASP B 88 7.16 27.57 8.88
C ASP B 88 6.97 26.27 8.07
N LYS B 89 8.08 25.65 7.67
CA LYS B 89 8.03 24.35 7.01
C LYS B 89 8.53 23.23 7.88
N PHE B 90 8.11 22.01 7.52
CA PHE B 90 8.32 20.81 8.36
C PHE B 90 8.83 19.68 7.50
N GLY B 91 9.60 18.80 8.11
CA GLY B 91 10.25 17.63 7.41
C GLY B 91 9.67 16.26 7.79
N TYR B 92 10.48 15.21 7.63
CA TYR B 92 10.00 13.88 7.92
C TYR B 92 9.49 13.78 9.34
N GLY B 93 8.49 12.92 9.54
CA GLY B 93 7.95 12.70 10.86
C GLY B 93 6.45 12.53 10.87
N LEU B 94 5.87 12.63 12.06
CA LEU B 94 4.45 12.36 12.25
C LEU B 94 3.65 13.62 12.34
N TYR B 95 2.68 13.77 11.42
CA TYR B 95 1.77 14.91 11.43
C TYR B 95 0.41 14.41 11.90
N GLN B 96 -0.12 15.01 12.95
CA GLN B 96 -1.47 14.62 13.43
C GLN B 96 -2.44 15.79 13.41
N VAL B 97 -3.72 15.49 13.15
CA VAL B 97 -4.82 16.46 13.35
C VAL B 97 -5.86 15.75 14.14
N ARG B 98 -6.55 16.54 14.95
CA ARG B 98 -7.85 16.13 15.51
C ARG B 98 -8.86 17.08 14.91
N MET B 99 -9.80 16.54 14.15
CA MET B 99 -10.62 17.35 13.27
C MET B 99 -11.97 16.72 12.96
N LYS B 100 -12.86 17.57 12.42
CA LYS B 100 -14.17 17.15 12.00
C LYS B 100 -14.56 17.87 10.70
N PRO B 101 -14.42 17.16 9.58
CA PRO B 101 -14.72 17.61 8.22
C PRO B 101 -16.20 17.99 8.05
N ALA B 102 -16.45 18.97 7.18
CA ALA B 102 -17.80 19.31 6.72
C ALA B 102 -18.37 18.23 5.79
N LYS B 103 -19.68 18.00 5.92
CA LYS B 103 -20.37 17.01 5.07
C LYS B 103 -21.27 17.72 4.07
N ASN B 104 -21.08 17.44 2.79
CA ASN B 104 -21.88 18.04 1.69
C ASN B 104 -21.36 17.55 0.37
N PRO B 105 -22.24 17.46 -0.65
CA PRO B 105 -21.67 17.05 -1.93
C PRO B 105 -20.76 18.16 -2.48
N GLY B 106 -19.70 17.78 -3.16
CA GLY B 106 -18.92 18.70 -3.99
C GLY B 106 -17.86 19.45 -3.21
N ILE B 107 -17.66 19.08 -1.95
CA ILE B 107 -16.63 19.73 -1.12
C ILE B 107 -15.47 18.84 -0.66
N VAL B 108 -14.38 19.47 -0.26
CA VAL B 108 -13.25 18.81 0.44
C VAL B 108 -12.93 19.57 1.71
N SER B 109 -12.71 18.84 2.81
CA SER B 109 -12.05 19.39 3.99
C SER B 109 -10.68 18.71 4.11
N SER B 110 -9.62 19.49 4.36
CA SER B 110 -8.26 18.90 4.24
C SER B 110 -7.39 19.15 5.44
N PHE B 111 -6.33 18.35 5.47
CA PHE B 111 -5.14 18.56 6.28
C PHE B 111 -3.98 18.01 5.45
N PHE B 112 -2.96 18.83 5.18
CA PHE B 112 -1.96 18.52 4.20
C PHE B 112 -0.64 19.24 4.44
N THR B 113 0.43 18.69 3.93
CA THR B 113 1.67 19.47 3.79
C THR B 113 1.80 20.02 2.37
N TYR B 114 2.48 21.17 2.21
CA TYR B 114 2.57 21.75 0.88
C TYR B 114 3.84 22.54 0.78
N THR B 115 4.55 22.32 -0.30
CA THR B 115 5.44 23.34 -0.83
C THR B 115 5.30 23.32 -2.36
N GLY B 116 5.64 24.41 -3.02
CA GLY B 116 5.42 24.51 -4.48
C GLY B 116 6.12 25.71 -5.06
N PRO B 117 5.65 26.16 -6.26
CA PRO B 117 6.26 27.15 -7.10
C PRO B 117 6.41 28.47 -6.41
N VAL B 118 5.42 28.82 -5.59
CA VAL B 118 5.46 30.06 -4.86
C VAL B 118 6.60 30.09 -3.86
N HIS B 119 7.03 28.90 -3.42
CA HIS B 119 8.21 28.78 -2.54
C HIS B 119 9.48 28.39 -3.29
N GLY B 120 9.44 28.45 -4.61
CA GLY B 120 10.62 28.18 -5.39
C GLY B 120 11.08 26.74 -5.38
N THR B 121 10.15 25.83 -5.08
CA THR B 121 10.45 24.37 -5.02
C THR B 121 9.52 23.56 -5.91
N PRO B 122 9.85 22.26 -6.14
CA PRO B 122 8.85 21.40 -6.74
C PRO B 122 7.61 21.37 -5.87
N TRP B 123 6.50 20.94 -6.46
CA TRP B 123 5.24 20.88 -5.75
C TRP B 123 5.23 19.53 -5.04
N ASP B 124 5.64 19.50 -3.76
CA ASP B 124 5.59 18.28 -2.93
C ASP B 124 4.51 18.45 -1.84
N GLU B 125 3.63 17.47 -1.72
CA GLU B 125 2.39 17.64 -0.94
C GLU B 125 1.93 16.27 -0.45
N ILE B 126 1.54 16.18 0.83
CA ILE B 126 0.93 14.92 1.35
C ILE B 126 -0.45 15.23 1.92
N ASP B 127 -1.46 14.42 1.56
CA ASP B 127 -2.82 14.82 1.85
C ASP B 127 -3.60 13.83 2.71
N ILE B 128 -4.37 14.39 3.63
CA ILE B 128 -5.63 13.75 4.12
C ILE B 128 -6.82 14.61 3.70
N GLU B 129 -7.61 14.07 2.76
CA GLU B 129 -8.78 14.75 2.20
C GLU B 129 -10.10 14.01 2.50
N PHE B 130 -11.05 14.75 3.08
CA PHE B 130 -12.41 14.26 3.34
C PHE B 130 -13.32 14.82 2.31
N LEU B 131 -13.68 13.97 1.39
CA LEU B 131 -14.62 14.31 0.32
C LEU B 131 -16.05 14.40 0.92
N GLY B 132 -16.59 15.61 1.05
CA GLY B 132 -17.84 15.79 1.81
C GLY B 132 -19.05 14.98 1.29
N LYS B 133 -18.89 14.35 0.14
CA LYS B 133 -19.99 13.61 -0.49
C LYS B 133 -20.22 12.34 0.30
N ASP B 134 -19.23 11.96 1.08
CA ASP B 134 -19.29 10.73 1.86
C ASP B 134 -18.24 10.77 2.95
N THR B 135 -18.64 11.25 4.12
CA THR B 135 -17.68 11.50 5.19
C THR B 135 -17.49 10.26 6.08
N THR B 136 -17.80 9.07 5.55
CA THR B 136 -17.49 7.83 6.25
C THR B 136 -16.28 7.23 5.60
N LYS B 137 -15.60 8.03 4.78
CA LYS B 137 -14.44 7.56 4.00
C LYS B 137 -13.43 8.69 4.07
N VAL B 138 -12.14 8.37 4.10
CA VAL B 138 -11.11 9.40 3.94
C VAL B 138 -10.31 9.04 2.77
N GLN B 139 -9.73 10.05 2.13
CA GLN B 139 -8.81 9.79 1.07
C GLN B 139 -7.41 10.25 1.41
N PHE B 140 -6.45 9.36 1.16
CA PHE B 140 -5.03 9.68 1.26
C PHE B 140 -4.47 9.87 -0.16
N ASN B 141 -3.51 10.77 -0.30
CA ASN B 141 -2.87 11.01 -1.54
C ASN B 141 -1.61 11.83 -1.28
N TYR B 142 -0.79 11.97 -2.31
CA TYR B 142 0.32 12.92 -2.22
C TYR B 142 0.75 13.32 -3.60
N TYR B 143 1.54 14.41 -3.68
CA TYR B 143 2.12 14.92 -4.93
C TYR B 143 3.63 15.01 -4.71
N THR B 144 4.40 14.52 -5.67
CA THR B 144 5.83 14.61 -5.60
C THR B 144 6.27 15.20 -6.92
N ASN B 145 6.79 16.41 -6.84
CA ASN B 145 7.21 17.13 -8.02
C ASN B 145 6.01 17.24 -8.96
N SER B 146 4.82 17.46 -8.38
CA SER B 146 3.57 17.65 -9.17
C SER B 146 2.87 16.38 -9.60
N ALA B 147 3.52 15.24 -9.41
CA ALA B 147 2.98 13.96 -9.84
C ALA B 147 2.05 13.38 -8.77
N GLY B 148 0.78 13.28 -9.09
CA GLY B 148 -0.19 12.84 -8.10
C GLY B 148 -0.57 11.40 -8.43
N ASN B 149 -1.87 11.14 -8.41
CA ASN B 149 -2.41 9.86 -8.77
C ASN B 149 -2.00 8.75 -7.77
N HIS B 150 -1.94 9.09 -6.48
CA HIS B 150 -1.70 8.13 -5.40
C HIS B 150 -2.89 7.89 -4.48
N GLU B 151 -4.10 8.19 -4.96
CA GLU B 151 -5.30 8.23 -4.08
C GLU B 151 -5.59 6.85 -3.50
N TYR B 152 -5.84 6.79 -2.20
CA TYR B 152 -6.39 5.58 -1.59
C TYR B 152 -7.51 5.99 -0.64
N ILE B 153 -8.66 5.31 -0.74
CA ILE B 153 -9.83 5.65 0.04
C ILE B 153 -9.94 4.64 1.15
N TYR B 154 -9.85 5.12 2.38
CA TYR B 154 -9.97 4.24 3.51
C TYR B 154 -11.39 4.36 4.07
N ASP B 155 -12.01 3.24 4.42
CA ASP B 155 -13.33 3.24 5.02
CA ASP B 155 -13.33 3.28 5.03
C ASP B 155 -13.21 3.34 6.54
N LEU B 156 -13.55 4.48 7.08
CA LEU B 156 -13.51 4.67 8.52
C LEU B 156 -14.62 3.78 9.05
N ARG B 157 -14.61 3.45 10.32
CA ARG B 157 -15.84 2.75 10.73
C ARG B 157 -16.86 3.62 11.43
N PHE B 158 -17.12 4.78 10.82
CA PHE B 158 -17.79 5.92 11.45
C PHE B 158 -17.90 7.12 10.51
N ASP B 159 -18.76 8.07 10.88
CA ASP B 159 -18.99 9.29 10.11
C ASP B 159 -18.12 10.41 10.64
N ALA B 160 -17.06 10.72 9.89
CA ALA B 160 -16.02 11.63 10.33
C ALA B 160 -16.62 13.01 10.63
N SER B 161 -17.69 13.35 9.93
CA SER B 161 -18.31 14.68 10.09
C SER B 161 -19.15 14.82 11.37
N GLU B 162 -19.34 13.71 12.07
CA GLU B 162 -20.24 13.73 13.22
C GLU B 162 -19.51 13.96 14.55
N ASP B 163 -18.19 13.74 14.60
CA ASP B 163 -17.40 13.94 15.84
C ASP B 163 -15.93 14.24 15.49
N PHE B 164 -15.13 14.65 16.50
CA PHE B 164 -13.70 14.82 16.27
C PHE B 164 -12.96 13.47 16.32
N HIS B 165 -12.16 13.20 15.30
CA HIS B 165 -11.26 12.03 15.34
C HIS B 165 -9.82 12.52 15.16
N ILE B 166 -8.83 11.66 15.40
CA ILE B 166 -7.43 12.02 15.16
C ILE B 166 -6.94 11.31 13.93
N TYR B 167 -6.38 12.06 12.99
CA TYR B 167 -5.86 11.47 11.76
C TYR B 167 -4.40 11.83 11.65
N ALA B 168 -3.60 11.00 11.01
CA ALA B 168 -2.19 11.34 10.94
C ALA B 168 -1.47 10.78 9.73
N PHE B 169 -0.33 11.36 9.34
CA PHE B 169 0.56 10.60 8.48
C PHE B 169 1.98 10.67 9.03
N ASN B 170 2.73 9.60 8.79
CA ASN B 170 4.13 9.54 9.16
C ASN B 170 4.92 9.55 7.88
N TRP B 171 5.53 10.70 7.59
CA TRP B 171 6.18 10.93 6.33
C TRP B 171 7.67 10.61 6.56
N GLN B 172 8.14 9.51 5.95
CA GLN B 172 9.55 9.00 6.06
C GLN B 172 10.22 9.06 4.68
N PRO B 173 11.56 8.90 4.63
CA PRO B 173 12.18 9.07 3.32
C PRO B 173 11.71 8.07 2.31
N ASN B 174 11.29 6.88 2.78
CA ASN B 174 11.02 5.68 2.01
CA ASN B 174 10.95 5.84 1.82
C ASN B 174 9.52 5.29 1.91
N TYR B 175 8.68 5.95 2.71
CA TYR B 175 7.24 5.64 2.73
C TYR B 175 6.46 6.72 3.46
N ILE B 176 5.15 6.69 3.30
CA ILE B 176 4.21 7.46 4.11
C ILE B 176 3.23 6.45 4.70
N ALA B 177 3.06 6.50 6.00
CA ALA B 177 2.03 5.71 6.72
C ALA B 177 0.92 6.71 7.03
N TRP B 178 -0.36 6.27 6.95
CA TRP B 178 -1.50 7.08 7.46
C TRP B 178 -2.17 6.29 8.62
N LEU B 179 -2.67 7.03 9.59
CA LEU B 179 -3.17 6.47 10.86
C LEU B 179 -4.55 7.07 11.14
N VAL B 180 -5.44 6.26 11.71
CA VAL B 180 -6.76 6.75 12.13
C VAL B 180 -6.97 6.41 13.62
N ASP B 181 -7.10 7.43 14.46
CA ASP B 181 -7.16 7.27 15.91
C ASP B 181 -6.06 6.35 16.47
N GLY B 182 -4.84 6.51 15.98
CA GLY B 182 -3.66 5.94 16.63
C GLY B 182 -3.18 4.68 15.94
N GLU B 183 -3.95 4.23 14.97
CA GLU B 183 -3.67 2.97 14.33
C GLU B 183 -3.33 3.24 12.91
N GLU B 184 -2.16 2.78 12.50
CA GLU B 184 -1.78 2.75 11.09
C GLU B 184 -2.77 1.95 10.27
N VAL B 185 -3.10 2.43 9.07
CA VAL B 185 -4.09 1.80 8.24
C VAL B 185 -3.70 1.72 6.76
N TYR B 186 -2.65 2.43 6.36
CA TYR B 186 -2.19 2.31 4.98
C TYR B 186 -0.74 2.83 4.84
N ARG B 187 0.05 2.20 3.99
CA ARG B 187 1.36 2.74 3.60
C ARG B 187 1.55 2.94 2.11
N ALA B 188 2.24 4.02 1.73
CA ALA B 188 2.57 4.31 0.35
C ALA B 188 4.10 4.37 0.19
N TYR B 189 4.57 4.10 -1.05
CA TYR B 189 6.01 3.81 -1.44
C TYR B 189 6.54 4.51 -2.67
N ASP B 190 5.72 4.65 -3.71
CA ASP B 190 6.17 5.22 -5.00
C ASP B 190 6.45 6.72 -4.82
N ASP B 191 7.67 7.12 -5.15
CA ASP B 191 8.00 8.49 -5.42
C ASP B 191 7.54 9.38 -4.26
N ILE B 192 8.15 9.16 -3.10
CA ILE B 192 7.78 9.82 -1.85
C ILE B 192 8.29 11.25 -1.88
N PRO B 193 7.51 12.19 -1.33
CA PRO B 193 7.97 13.58 -1.29
C PRO B 193 9.29 13.79 -0.57
N VAL B 194 10.02 14.82 -1.01
CA VAL B 194 11.31 15.16 -0.44
C VAL B 194 11.44 16.58 0.11
N HIS B 195 10.66 17.56 -0.37
CA HIS B 195 10.83 18.99 0.05
C HIS B 195 9.93 19.37 1.22
N PRO B 196 10.52 19.95 2.29
CA PRO B 196 9.77 20.35 3.48
C PRO B 196 8.59 21.23 3.12
N GLY B 197 7.48 21.01 3.80
CA GLY B 197 6.23 21.70 3.49
C GLY B 197 5.64 22.40 4.68
N LYS B 198 4.83 23.41 4.38
CA LYS B 198 4.00 24.01 5.41
C LYS B 198 2.85 23.08 5.73
N ILE B 199 2.42 23.05 6.95
CA ILE B 199 1.16 22.37 7.29
C ILE B 199 -0.05 23.26 6.92
N MET B 200 -1.02 22.70 6.18
CA MET B 200 -2.12 23.50 5.66
C MET B 200 -3.45 22.85 5.90
N LEU B 201 -4.43 23.66 6.22
CA LEU B 201 -5.80 23.20 6.48
C LEU B 201 -6.75 24.00 5.59
N ASN B 202 -7.65 23.30 4.92
CA ASN B 202 -8.57 24.02 4.07
C ASN B 202 -9.93 23.40 3.88
N ILE B 203 -10.89 24.23 3.50
CA ILE B 203 -12.18 23.75 2.95
C ILE B 203 -12.51 24.45 1.62
N TRP B 204 -13.07 23.70 0.69
CA TRP B 204 -13.38 24.26 -0.63
C TRP B 204 -14.43 23.49 -1.43
N PRO B 205 -15.15 24.22 -2.29
CA PRO B 205 -16.02 23.56 -3.25
C PRO B 205 -15.32 23.36 -4.59
N GLY B 206 -15.47 22.17 -5.15
CA GLY B 206 -14.92 21.88 -6.46
C GLY B 206 -15.80 22.31 -7.62
N ILE B 207 -15.19 22.51 -8.78
CA ILE B 207 -15.93 22.64 -10.01
C ILE B 207 -15.27 21.72 -11.01
N GLY B 208 -16.04 21.15 -11.90
CA GLY B 208 -15.49 20.32 -12.96
C GLY B 208 -14.96 18.97 -12.53
N VAL B 209 -15.39 18.49 -11.36
CA VAL B 209 -14.95 17.21 -10.84
C VAL B 209 -16.15 16.54 -10.18
N ASP B 210 -17.28 16.49 -10.88
CA ASP B 210 -18.49 15.91 -10.26
C ASP B 210 -18.26 14.41 -9.95
N GLU B 211 -17.44 13.74 -10.76
CA GLU B 211 -17.15 12.32 -10.51
C GLU B 211 -16.44 12.12 -9.18
N TRP B 212 -15.38 12.89 -8.96
CA TRP B 212 -14.60 12.75 -7.76
C TRP B 212 -15.37 13.26 -6.52
N LEU B 213 -15.97 14.45 -6.62
CA LEU B 213 -16.47 15.13 -5.43
C LEU B 213 -18.01 15.09 -5.32
N GLY B 214 -18.69 14.82 -6.42
CA GLY B 214 -20.11 15.17 -6.52
C GLY B 214 -20.20 16.65 -6.84
N ALA B 215 -21.38 17.11 -7.26
CA ALA B 215 -21.55 18.50 -7.65
C ALA B 215 -21.84 19.28 -6.39
N TYR B 216 -21.14 20.41 -6.21
CA TYR B 216 -21.48 21.31 -5.13
C TYR B 216 -22.85 21.94 -5.44
N ASP B 217 -23.69 22.11 -4.43
CA ASP B 217 -25.07 22.51 -4.64
C ASP B 217 -25.24 23.92 -4.14
N GLY B 218 -24.13 24.55 -3.79
CA GLY B 218 -24.16 25.92 -3.31
C GLY B 218 -24.62 26.01 -1.88
N LYS B 219 -24.77 24.85 -1.24
CA LYS B 219 -25.22 24.84 0.15
C LYS B 219 -24.36 25.76 1.00
N THR B 220 -25.02 26.72 1.64
CA THR B 220 -24.35 27.67 2.49
C THR B 220 -25.02 27.65 3.87
N ASN B 221 -24.21 27.51 4.92
CA ASN B 221 -22.76 27.55 4.79
CA ASN B 221 -22.77 27.53 4.77
C ASN B 221 -22.00 26.60 5.73
N LEU B 222 -21.01 25.92 5.16
CA LEU B 222 -20.45 24.70 5.70
C LEU B 222 -19.14 25.01 6.44
N THR B 223 -18.79 24.15 7.38
CA THR B 223 -17.64 24.39 8.27
C THR B 223 -16.84 23.11 8.54
N ALA B 224 -15.54 23.15 8.29
CA ALA B 224 -14.62 22.11 8.71
C ALA B 224 -14.01 22.63 9.97
N SER B 225 -13.92 21.77 10.98
CA SER B 225 -13.48 22.13 12.29
C SER B 225 -12.26 21.36 12.77
N TYR B 226 -11.34 22.06 13.41
CA TYR B 226 -10.05 21.48 13.80
C TYR B 226 -9.76 21.84 15.25
N ASP B 227 -9.51 20.82 16.04
CA ASP B 227 -9.16 21.03 17.44
C ASP B 227 -7.66 21.31 17.64
N TRP B 228 -6.81 20.48 17.08
CA TRP B 228 -5.39 20.73 17.20
C TRP B 228 -4.65 20.04 16.10
N VAL B 229 -3.41 20.47 15.91
CA VAL B 229 -2.49 19.84 14.98
C VAL B 229 -1.21 19.56 15.72
N ALA B 230 -0.45 18.54 15.28
CA ALA B 230 0.87 18.30 15.80
C ALA B 230 1.84 17.69 14.81
N TYR B 231 3.12 17.98 15.01
CA TYR B 231 4.24 17.41 14.25
C TYR B 231 5.32 16.93 15.22
N ASP B 232 5.91 15.78 14.92
CA ASP B 232 7.05 15.33 15.72
C ASP B 232 8.05 14.71 14.81
N PRO B 233 9.32 15.18 14.81
CA PRO B 233 10.29 14.61 13.91
C PRO B 233 10.72 13.23 14.38
N ILE B 234 9.95 12.23 14.01
CA ILE B 234 10.41 10.84 14.22
C ILE B 234 10.92 10.23 12.91
#